data_3E02
#
_entry.id   3E02
#
_cell.length_a   103.837
_cell.length_b   103.837
_cell.length_c   128.969
_cell.angle_alpha   90.000
_cell.angle_beta   90.000
_cell.angle_gamma   120.000
#
_symmetry.space_group_name_H-M   'P 62 2 2'
#
loop_
_entity.id
_entity.type
_entity.pdbx_description
1 polymer 'uncharacterized protein DUF849'
2 non-polymer 'ZINC ION'
3 non-polymer 1,2-ETHANEDIOL
4 water water
#
_entity_poly.entity_id   1
_entity_poly.type   'polypeptide(L)'
_entity_poly.pdbx_seq_one_letter_code
;G(MSE)KQSKKIIITCAVTGSIHTPT(MSE)SPYLPITPEEIVKEGVAAAEAGAA(MSE)LHLHARDPLNGRPSQDPDLF
(MSE)RFLPQLKERTDAILNITTGGGLG(MSE)SLDERLAPARAARPEVAS(MSE)N(MSE)GSLNFNISQAAAKFDTFK
FDWERPYLAGTRDFILSNTFSQIERG(MSE)TELGASGTRFEFECYDVGHLYNLAHFVDRKLVEPPFFLQCVFGILGGIG
ADPENLLH(MSE)RTIADRLFGQDYYLSVLAAGRHQ(MSE)PFVT(MSE)SAILGGNVRVGLEDSLYSGKGQLATSNAEQ
VRKIRRIIEELSLDIATPDEARA(MSE)LKTKGANETSF
;
_entity_poly.pdbx_strand_id   A
#
loop_
_chem_comp.id
_chem_comp.type
_chem_comp.name
_chem_comp.formula
EDO non-polymer 1,2-ETHANEDIOL 'C2 H6 O2'
ZN non-polymer 'ZINC ION' 'Zn 2'
#
# COMPACT_ATOMS: atom_id res chain seq x y z
N MSE A 2 -20.35 5.63 -0.37
CA MSE A 2 -19.25 5.20 0.54
C MSE A 2 -19.81 4.69 1.88
O MSE A 2 -20.64 5.37 2.47
CB MSE A 2 -18.34 6.39 0.87
CG MSE A 2 -17.01 6.03 1.55
SE MSE A 2 -16.23 7.56 2.44
CE MSE A 2 -17.62 7.80 3.83
N LYS A 3 -19.33 3.52 2.32
CA LYS A 3 -19.69 2.98 3.65
C LYS A 3 -18.83 3.71 4.70
N GLN A 4 -19.48 4.36 5.66
CA GLN A 4 -18.80 5.10 6.75
C GLN A 4 -17.99 4.13 7.61
N SER A 5 -16.73 4.48 7.85
CA SER A 5 -15.80 3.65 8.62
C SER A 5 -15.92 3.97 10.11
N LYS A 6 -16.85 3.31 10.80
CA LYS A 6 -17.05 3.48 12.27
C LYS A 6 -15.71 3.40 13.01
N LYS A 7 -14.88 2.44 12.60
CA LYS A 7 -13.52 2.30 13.09
C LYS A 7 -12.61 2.44 11.87
N ILE A 8 -11.56 3.24 11.99
CA ILE A 8 -10.65 3.53 10.89
C ILE A 8 -9.56 2.48 10.78
N ILE A 9 -9.38 1.92 9.59
CA ILE A 9 -8.28 0.99 9.34
C ILE A 9 -7.04 1.83 9.05
N ILE A 10 -6.01 1.64 9.88
CA ILE A 10 -4.68 2.21 9.63
C ILE A 10 -3.89 1.09 8.94
N THR A 11 -3.50 1.32 7.70
CA THR A 11 -2.63 0.42 6.97
C THR A 11 -1.23 1.01 7.06
N CYS A 12 -0.23 0.17 7.31
CA CYS A 12 1.17 0.60 7.27
C CYS A 12 1.90 -0.08 6.12
N ALA A 13 2.35 0.73 5.16
CA ALA A 13 3.15 0.27 4.02
C ALA A 13 4.61 0.41 4.46
N VAL A 14 5.19 -0.72 4.84
CA VAL A 14 6.48 -0.80 5.55
C VAL A 14 7.74 -0.30 4.83
N THR A 15 7.88 -0.63 3.54
CA THR A 15 9.10 -0.28 2.79
C THR A 15 8.93 0.02 1.31
N GLY A 16 8.05 -0.70 0.61
CA GLY A 16 7.81 -0.42 -0.80
C GLY A 16 8.98 -0.71 -1.70
N SER A 17 8.97 -0.03 -2.85
CA SER A 17 10.00 -0.14 -3.87
C SER A 17 10.38 1.19 -4.54
N ILE A 18 9.85 2.33 -4.08
CA ILE A 18 10.11 3.68 -4.66
CA ILE A 18 10.17 3.63 -4.72
C ILE A 18 11.31 4.36 -4.00
N HIS A 19 11.34 4.30 -2.67
CA HIS A 19 12.47 4.88 -1.91
C HIS A 19 13.63 3.91 -1.99
N THR A 20 14.85 4.45 -1.98
CA THR A 20 16.07 3.64 -2.10
C THR A 20 16.94 3.85 -0.85
N PRO A 21 17.87 2.92 -0.55
CA PRO A 21 18.70 3.01 0.68
C PRO A 21 19.43 4.33 0.94
N THR A 22 19.93 4.95 -0.13
CA THR A 22 20.60 6.25 -0.05
C THR A 22 19.71 7.34 0.61
N MSE A 23 18.41 7.22 0.42
CA MSE A 23 17.45 8.24 0.86
C MSE A 23 17.19 8.31 2.36
O MSE A 23 16.80 9.35 2.87
CB MSE A 23 16.14 8.07 0.12
CG MSE A 23 16.33 8.06 -1.39
SE MSE A 23 14.69 8.05 -2.31
CE MSE A 23 15.46 8.00 -4.05
N SER A 24 17.41 7.19 3.05
CA SER A 24 17.25 7.15 4.50
C SER A 24 17.93 5.94 5.09
N PRO A 25 18.66 6.13 6.21
CA PRO A 25 19.25 4.96 6.87
C PRO A 25 18.18 4.11 7.60
N TYR A 26 16.95 4.61 7.70
CA TYR A 26 15.85 3.94 8.40
C TYR A 26 14.91 3.17 7.45
N LEU A 27 15.26 3.09 6.16
CA LEU A 27 14.45 2.33 5.19
C LEU A 27 14.59 0.85 5.55
N PRO A 28 13.47 0.14 5.87
CA PRO A 28 13.60 -1.30 6.18
C PRO A 28 14.01 -2.11 4.96
N ILE A 29 15.08 -2.91 5.09
CA ILE A 29 15.63 -3.67 3.97
C ILE A 29 15.59 -5.17 4.17
N THR A 30 16.21 -5.63 5.26
CA THR A 30 16.30 -7.07 5.50
C THR A 30 14.97 -7.64 5.99
N PRO A 31 14.75 -8.96 5.80
CA PRO A 31 13.54 -9.57 6.37
C PRO A 31 13.38 -9.32 7.89
N GLU A 32 14.48 -9.31 8.63
CA GLU A 32 14.46 -9.09 10.08
C GLU A 32 14.01 -7.65 10.41
N GLU A 33 14.49 -6.69 9.63
CA GLU A 33 14.06 -5.28 9.76
C GLU A 33 12.57 -5.12 9.44
N ILE A 34 12.10 -5.82 8.40
CA ILE A 34 10.69 -5.82 8.00
C ILE A 34 9.79 -6.39 9.10
N VAL A 35 10.21 -7.49 9.73
CA VAL A 35 9.47 -8.09 10.86
C VAL A 35 9.42 -7.10 12.03
N LYS A 36 10.57 -6.57 12.42
CA LYS A 36 10.69 -5.63 13.55
C LYS A 36 9.81 -4.39 13.32
N GLU A 37 9.88 -3.84 12.11
CA GLU A 37 9.07 -2.68 11.72
C GLU A 37 7.57 -2.95 11.64
N GLY A 38 7.22 -4.10 11.05
CA GLY A 38 5.82 -4.52 10.95
C GLY A 38 5.19 -4.69 12.32
N VAL A 39 5.92 -5.36 13.22
CA VAL A 39 5.45 -5.57 14.61
C VAL A 39 5.26 -4.24 15.34
N ALA A 40 6.26 -3.34 15.22
CA ALA A 40 6.18 -2.01 15.84
C ALA A 40 4.99 -1.20 15.32
N ALA A 41 4.78 -1.24 14.00
CA ALA A 41 3.65 -0.56 13.35
C ALA A 41 2.31 -1.12 13.84
N ALA A 42 2.20 -2.45 13.91
CA ALA A 42 1.00 -3.13 14.42
C ALA A 42 0.74 -2.77 15.87
N GLU A 43 1.79 -2.81 16.70
CA GLU A 43 1.66 -2.42 18.10
C GLU A 43 1.29 -0.93 18.33
N ALA A 44 1.66 -0.07 17.39
CA ALA A 44 1.26 1.35 17.42
C ALA A 44 -0.19 1.57 16.99
N GLY A 45 -0.82 0.57 16.36
CA GLY A 45 -2.21 0.63 15.91
C GLY A 45 -2.52 0.21 14.49
N ALA A 46 -1.51 -0.16 13.69
CA ALA A 46 -1.76 -0.61 12.32
C ALA A 46 -2.53 -1.95 12.30
N ALA A 47 -3.74 -1.94 11.73
CA ALA A 47 -4.57 -3.15 11.57
C ALA A 47 -4.10 -4.01 10.38
N MSE A 48 -3.45 -3.36 9.39
CA MSE A 48 -2.97 -4.03 8.19
C MSE A 48 -1.55 -3.55 7.82
O MSE A 48 -1.23 -2.37 7.99
CB MSE A 48 -3.96 -3.76 7.04
CG MSE A 48 -3.59 -4.42 5.70
SE MSE A 48 -5.12 -4.74 4.54
CE MSE A 48 -5.59 -2.99 4.15
N LEU A 49 -0.73 -4.48 7.35
CA LEU A 49 0.64 -4.22 6.92
C LEU A 49 0.73 -4.53 5.43
N HIS A 50 1.10 -3.52 4.64
CA HIS A 50 1.29 -3.66 3.19
C HIS A 50 2.79 -3.92 2.99
N LEU A 51 3.10 -5.06 2.37
CA LEU A 51 4.47 -5.58 2.32
C LEU A 51 5.09 -5.81 0.95
N HIS A 52 6.34 -5.34 0.83
CA HIS A 52 7.25 -5.62 -0.29
C HIS A 52 8.51 -6.24 0.33
N ALA A 53 9.30 -6.91 -0.52
CA ALA A 53 10.58 -7.50 -0.15
C ALA A 53 11.67 -6.74 -0.88
N ARG A 54 12.88 -6.81 -0.31
CA ARG A 54 14.07 -6.20 -0.87
C ARG A 54 15.24 -7.16 -0.72
N ASP A 55 16.19 -7.04 -1.64
CA ASP A 55 17.44 -7.78 -1.58
C ASP A 55 18.06 -7.41 -0.22
N PRO A 56 18.32 -8.41 0.66
CA PRO A 56 18.87 -8.11 2.00
C PRO A 56 20.23 -7.40 2.07
N LEU A 57 21.04 -7.49 1.02
CA LEU A 57 22.37 -6.87 0.99
C LEU A 57 22.38 -5.46 0.45
N ASN A 58 21.60 -5.18 -0.59
CA ASN A 58 21.63 -3.84 -1.21
C ASN A 58 20.29 -3.12 -1.31
N GLY A 59 19.21 -3.70 -0.78
CA GLY A 59 17.89 -3.09 -0.82
C GLY A 59 17.15 -3.04 -2.15
N ARG A 60 17.68 -3.66 -3.21
CA ARG A 60 17.03 -3.68 -4.52
CA ARG A 60 17.01 -3.64 -4.51
C ARG A 60 15.67 -4.37 -4.41
N PRO A 61 14.59 -3.78 -4.96
CA PRO A 61 13.29 -4.48 -4.89
C PRO A 61 13.33 -5.91 -5.43
N SER A 62 12.64 -6.81 -4.75
CA SER A 62 12.58 -8.21 -5.15
C SER A 62 11.20 -8.79 -4.87
N GLN A 63 10.66 -9.54 -5.84
CA GLN A 63 9.40 -10.29 -5.66
C GLN A 63 9.68 -11.80 -5.53
N ASP A 64 10.83 -12.14 -4.95
CA ASP A 64 11.21 -13.52 -4.70
C ASP A 64 10.33 -14.01 -3.53
N PRO A 65 9.47 -15.01 -3.77
CA PRO A 65 8.65 -15.55 -2.65
C PRO A 65 9.46 -16.06 -1.45
N ASP A 66 10.67 -16.55 -1.68
CA ASP A 66 11.56 -17.02 -0.60
C ASP A 66 11.89 -15.90 0.41
N LEU A 67 12.06 -14.67 -0.07
CA LEU A 67 12.30 -13.50 0.82
C LEU A 67 11.05 -13.20 1.62
N PHE A 68 9.88 -13.26 0.98
CA PHE A 68 8.59 -13.10 1.69
C PHE A 68 8.42 -14.15 2.80
N MSE A 69 8.81 -15.40 2.53
CA MSE A 69 8.76 -16.47 3.55
C MSE A 69 9.73 -16.30 4.72
O MSE A 69 9.61 -17.02 5.70
CB MSE A 69 8.87 -17.86 2.91
CG MSE A 69 7.70 -18.17 1.99
SE MSE A 69 5.95 -17.94 2.87
CE MSE A 69 4.93 -17.67 1.30
N ARG A 70 10.67 -15.35 4.60
CA ARG A 70 11.57 -14.98 5.71
C ARG A 70 10.99 -13.89 6.62
N PHE A 71 9.84 -13.30 6.25
CA PHE A 71 9.12 -12.37 7.14
C PHE A 71 7.62 -12.66 7.39
N LEU A 72 6.92 -13.29 6.45
CA LEU A 72 5.48 -13.57 6.63
C LEU A 72 5.14 -14.47 7.84
N PRO A 73 5.76 -15.68 7.95
CA PRO A 73 5.50 -16.51 9.14
C PRO A 73 5.85 -15.79 10.45
N GLN A 74 6.93 -15.03 10.44
CA GLN A 74 7.42 -14.32 11.62
C GLN A 74 6.43 -13.23 12.03
N LEU A 75 5.91 -12.49 11.06
CA LEU A 75 4.89 -11.47 11.33
C LEU A 75 3.61 -12.10 11.86
N LYS A 76 3.18 -13.20 11.23
CA LYS A 76 1.98 -13.93 11.64
C LYS A 76 2.06 -14.39 13.10
N GLU A 77 3.23 -14.85 13.51
CA GLU A 77 3.46 -15.31 14.88
C GLU A 77 3.53 -14.19 15.93
N ARG A 78 4.02 -13.00 15.53
CA ARG A 78 4.22 -11.87 16.46
CA ARG A 78 4.23 -11.87 16.45
CA ARG A 78 4.24 -11.86 16.45
C ARG A 78 3.13 -10.81 16.45
N THR A 79 2.26 -10.81 15.43
CA THR A 79 1.14 -9.87 15.39
CA THR A 79 1.14 -9.85 15.33
C THR A 79 -0.07 -10.51 14.70
N ASP A 80 -1.26 -9.93 14.95
CA ASP A 80 -2.48 -10.41 14.29
CA ASP A 80 -2.53 -10.36 14.36
C ASP A 80 -2.88 -9.45 13.18
N ALA A 81 -1.99 -8.53 12.79
CA ALA A 81 -2.28 -7.61 11.68
C ALA A 81 -2.52 -8.38 10.39
N ILE A 82 -3.41 -7.86 9.55
CA ILE A 82 -3.68 -8.46 8.24
C ILE A 82 -2.43 -8.20 7.37
N LEU A 83 -1.91 -9.25 6.74
CA LEU A 83 -0.73 -9.12 5.90
C LEU A 83 -1.18 -8.97 4.45
N ASN A 84 -0.91 -7.80 3.89
CA ASN A 84 -1.28 -7.39 2.54
C ASN A 84 0.00 -7.48 1.68
N ILE A 85 -0.05 -8.33 0.65
CA ILE A 85 1.08 -8.58 -0.26
CA ILE A 85 1.08 -8.58 -0.26
C ILE A 85 0.96 -7.76 -1.55
N THR A 86 2.05 -7.10 -1.91
CA THR A 86 2.07 -6.33 -3.13
C THR A 86 2.06 -7.24 -4.38
N THR A 87 1.30 -6.81 -5.38
CA THR A 87 1.36 -7.41 -6.71
C THR A 87 1.93 -6.33 -7.67
N GLY A 88 2.42 -5.22 -7.12
CA GLY A 88 3.07 -4.13 -7.87
C GLY A 88 4.57 -4.44 -7.86
N GLY A 89 5.10 -4.68 -6.67
CA GLY A 89 6.51 -5.02 -6.49
C GLY A 89 7.43 -3.89 -6.92
N GLY A 90 8.58 -4.28 -7.46
CA GLY A 90 9.58 -3.37 -7.99
C GLY A 90 9.26 -2.91 -9.41
N LEU A 91 9.58 -1.63 -9.68
CA LEU A 91 9.33 -1.06 -11.01
C LEU A 91 10.24 -1.76 -12.03
N GLY A 92 9.64 -2.26 -13.12
CA GLY A 92 10.35 -2.98 -14.18
C GLY A 92 10.15 -4.49 -14.20
N MSE A 93 9.46 -5.04 -13.19
CA MSE A 93 9.21 -6.49 -13.11
C MSE A 93 8.05 -6.90 -14.00
O MSE A 93 7.14 -6.11 -14.23
CB MSE A 93 8.88 -6.91 -11.67
CG MSE A 93 10.02 -6.71 -10.73
SE MSE A 93 9.53 -7.28 -8.96
CE MSE A 93 11.21 -6.79 -8.03
N SER A 94 8.10 -8.14 -14.49
CA SER A 94 7.03 -8.69 -15.33
C SER A 94 5.86 -9.11 -14.44
N LEU A 95 4.71 -9.39 -15.04
CA LEU A 95 3.53 -9.79 -14.26
C LEU A 95 3.74 -11.13 -13.55
N ASP A 96 4.47 -12.05 -14.20
CA ASP A 96 4.82 -13.37 -13.61
C ASP A 96 5.57 -13.16 -12.30
N GLU A 97 6.63 -12.36 -12.35
CA GLU A 97 7.40 -12.02 -11.15
C GLU A 97 6.50 -11.35 -10.10
N ARG A 98 5.69 -10.40 -10.55
CA ARG A 98 4.82 -9.63 -9.66
C ARG A 98 3.77 -10.44 -8.89
N LEU A 99 3.16 -11.42 -9.54
CA LEU A 99 2.15 -12.28 -8.91
C LEU A 99 2.71 -13.43 -8.05
N ALA A 100 4.00 -13.77 -8.22
CA ALA A 100 4.61 -14.91 -7.51
C ALA A 100 4.43 -14.94 -5.98
N PRO A 101 4.74 -13.84 -5.26
CA PRO A 101 4.56 -13.85 -3.80
C PRO A 101 3.11 -14.12 -3.33
N ALA A 102 2.14 -13.41 -3.89
CA ALA A 102 0.72 -13.61 -3.56
C ALA A 102 0.25 -15.02 -3.90
N ARG A 103 0.72 -15.55 -5.04
CA ARG A 103 0.37 -16.92 -5.43
CA ARG A 103 0.37 -16.92 -5.45
C ARG A 103 0.93 -17.95 -4.47
N ALA A 104 2.17 -17.74 -4.01
CA ALA A 104 2.80 -18.65 -3.04
C ALA A 104 2.16 -18.53 -1.64
N ALA A 105 2.00 -17.30 -1.18
CA ALA A 105 1.49 -17.01 0.18
C ALA A 105 -0.01 -17.21 0.42
N ARG A 106 -0.82 -17.06 -0.63
CA ARG A 106 -2.30 -17.12 -0.52
C ARG A 106 -2.76 -16.21 0.65
N PRO A 107 -2.45 -14.90 0.55
CA PRO A 107 -2.75 -13.97 1.64
C PRO A 107 -4.22 -13.60 1.72
N GLU A 108 -4.60 -13.04 2.87
CA GLU A 108 -5.95 -12.51 3.05
C GLU A 108 -6.20 -11.31 2.15
N VAL A 109 -5.15 -10.51 1.92
CA VAL A 109 -5.23 -9.31 1.10
C VAL A 109 -4.01 -9.18 0.17
N ALA A 110 -4.26 -8.72 -1.05
CA ALA A 110 -3.20 -8.38 -2.01
C ALA A 110 -3.54 -7.04 -2.63
N SER A 111 -2.52 -6.25 -2.98
CA SER A 111 -2.75 -4.98 -3.67
C SER A 111 -3.11 -5.31 -5.12
N MSE A 112 -3.88 -4.43 -5.76
CA MSE A 112 -4.31 -4.63 -7.14
C MSE A 112 -4.33 -3.25 -7.81
O MSE A 112 -5.23 -2.46 -7.54
CB MSE A 112 -5.69 -5.30 -7.16
CG MSE A 112 -6.34 -5.57 -8.52
SE MSE A 112 -5.32 -6.74 -9.67
CE MSE A 112 -5.03 -8.32 -8.45
N ASN A 113 -3.34 -2.99 -8.65
CA ASN A 113 -3.21 -1.70 -9.32
C ASN A 113 -4.24 -1.63 -10.46
N MSE A 114 -5.08 -0.60 -10.43
CA MSE A 114 -6.26 -0.51 -11.33
C MSE A 114 -6.10 0.15 -12.70
O MSE A 114 -7.09 0.37 -13.40
CB MSE A 114 -7.47 0.07 -10.57
CG MSE A 114 -8.02 -0.89 -9.52
SE MSE A 114 -8.46 -2.65 -10.22
CE MSE A 114 -9.53 -2.16 -11.63
N GLY A 115 -4.88 0.41 -13.12
CA GLY A 115 -4.65 0.97 -14.44
C GLY A 115 -3.20 1.14 -14.75
N SER A 116 -2.90 1.33 -16.03
CA SER A 116 -1.54 1.54 -16.49
C SER A 116 -1.28 3.04 -16.45
N LEU A 117 -0.12 3.43 -15.92
CA LEU A 117 0.25 4.83 -15.90
C LEU A 117 1.76 5.03 -15.94
N ASN A 118 2.17 6.21 -16.42
CA ASN A 118 3.55 6.66 -16.26
C ASN A 118 3.81 6.71 -14.74
N PHE A 119 4.98 6.26 -14.30
CA PHE A 119 5.31 6.21 -12.87
C PHE A 119 6.74 6.72 -12.78
N ASN A 120 6.87 8.04 -12.69
CA ASN A 120 8.14 8.76 -12.78
C ASN A 120 8.64 9.22 -11.42
N ILE A 121 9.67 8.54 -10.90
CA ILE A 121 10.32 8.90 -9.62
C ILE A 121 11.75 9.42 -9.85
N SER A 122 12.08 9.75 -11.10
CA SER A 122 13.43 10.20 -11.50
C SER A 122 13.89 11.50 -10.84
N GLN A 123 12.97 12.41 -10.54
CA GLN A 123 13.30 13.69 -9.89
C GLN A 123 13.96 13.51 -8.51
N ALA A 124 13.65 12.41 -7.82
CA ALA A 124 14.26 12.07 -6.52
C ALA A 124 15.80 11.99 -6.59
N ALA A 125 16.33 11.55 -7.73
CA ALA A 125 17.78 11.41 -7.93
C ALA A 125 18.56 12.72 -7.82
N ALA A 126 17.93 13.83 -8.22
CA ALA A 126 18.54 15.18 -8.16
C ALA A 126 18.81 15.66 -6.73
N LYS A 127 18.12 15.09 -5.75
CA LYS A 127 18.33 15.42 -4.35
C LYS A 127 19.60 14.78 -3.72
N PHE A 128 20.26 13.85 -4.43
CA PHE A 128 21.43 13.12 -3.91
C PHE A 128 22.58 13.20 -4.91
N ASP A 129 23.74 13.70 -4.47
CA ASP A 129 24.94 13.82 -5.30
CA ASP A 129 24.88 13.78 -5.40
C ASP A 129 25.69 12.50 -5.42
N THR A 130 25.49 11.61 -4.44
CA THR A 130 26.12 10.27 -4.41
C THR A 130 25.09 9.23 -3.96
N PHE A 131 25.33 7.99 -4.37
CA PHE A 131 24.46 6.85 -4.05
C PHE A 131 25.27 5.71 -3.47
N LYS A 132 24.68 5.03 -2.50
CA LYS A 132 25.34 3.93 -1.79
C LYS A 132 25.58 2.70 -2.68
N PHE A 133 24.58 2.36 -3.50
CA PHE A 133 24.62 1.17 -4.38
C PHE A 133 24.44 1.57 -5.85
N ASP A 134 25.09 0.78 -6.72
CA ASP A 134 25.10 1.01 -8.17
C ASP A 134 23.75 0.97 -8.83
N TRP A 135 22.83 0.17 -8.31
CA TRP A 135 21.48 0.03 -8.89
C TRP A 135 20.55 1.22 -8.72
N GLU A 136 20.80 2.08 -7.73
CA GLU A 136 19.86 3.12 -7.34
C GLU A 136 19.65 4.22 -8.35
N ARG A 137 20.71 4.85 -8.82
CA ARG A 137 20.56 5.93 -9.81
C ARG A 137 19.91 5.45 -11.14
N PRO A 138 20.40 4.34 -11.73
CA PRO A 138 19.76 3.81 -12.96
C PRO A 138 18.29 3.44 -12.79
N TYR A 139 17.93 2.90 -11.63
CA TYR A 139 16.55 2.56 -11.27
C TYR A 139 15.66 3.79 -11.32
N LEU A 140 16.07 4.85 -10.62
CA LEU A 140 15.31 6.10 -10.59
C LEU A 140 15.24 6.78 -11.96
N ALA A 141 16.40 6.89 -12.62
CA ALA A 141 16.51 7.52 -13.96
C ALA A 141 15.67 6.79 -15.02
N GLY A 142 15.68 5.46 -14.95
CA GLY A 142 14.91 4.61 -15.86
C GLY A 142 13.39 4.80 -15.77
N THR A 143 12.89 5.40 -14.68
CA THR A 143 11.46 5.65 -14.54
C THR A 143 10.91 6.76 -15.44
N ARG A 144 11.79 7.58 -16.04
CA ARG A 144 11.36 8.60 -17.01
CA ARG A 144 11.34 8.61 -17.00
C ARG A 144 10.68 7.95 -18.20
N ASP A 145 11.12 6.74 -18.55
CA ASP A 145 10.59 5.99 -19.68
C ASP A 145 9.86 4.73 -19.21
N PHE A 146 9.18 4.79 -18.08
CA PHE A 146 8.52 3.64 -17.46
C PHE A 146 7.01 3.81 -17.32
N ILE A 147 6.30 2.70 -17.54
CA ILE A 147 4.86 2.61 -17.35
C ILE A 147 4.62 1.47 -16.35
N LEU A 148 3.90 1.76 -15.27
CA LEU A 148 3.47 0.72 -14.33
C LEU A 148 2.29 0.07 -15.08
N SER A 149 2.54 -1.10 -15.64
CA SER A 149 1.56 -1.77 -16.52
C SER A 149 0.48 -2.54 -15.77
N ASN A 150 -0.79 -2.25 -16.05
CA ASN A 150 -1.93 -3.02 -15.51
C ASN A 150 -3.05 -2.95 -16.57
N THR A 151 -2.88 -3.69 -17.66
CA THR A 151 -3.87 -3.71 -18.73
C THR A 151 -5.14 -4.41 -18.25
N PHE A 152 -6.24 -4.25 -18.97
CA PHE A 152 -7.48 -4.95 -18.60
C PHE A 152 -7.26 -6.47 -18.54
N SER A 153 -6.51 -7.02 -19.48
CA SER A 153 -6.17 -8.46 -19.45
C SER A 153 -5.35 -8.84 -18.20
N GLN A 154 -4.36 -8.01 -17.86
CA GLN A 154 -3.50 -8.25 -16.68
C GLN A 154 -4.33 -8.19 -15.39
N ILE A 155 -5.19 -7.19 -15.27
CA ILE A 155 -6.05 -7.04 -14.10
C ILE A 155 -6.98 -8.25 -13.95
N GLU A 156 -7.61 -8.64 -15.06
CA GLU A 156 -8.51 -9.81 -15.05
C GLU A 156 -7.78 -11.09 -14.61
N ARG A 157 -6.54 -11.29 -15.08
CA ARG A 157 -5.70 -12.46 -14.72
C ARG A 157 -5.44 -12.47 -13.21
N GLY A 158 -4.98 -11.33 -12.70
CA GLY A 158 -4.72 -11.16 -11.27
C GLY A 158 -5.94 -11.40 -10.43
N MSE A 159 -7.07 -10.81 -10.83
CA MSE A 159 -8.35 -11.02 -10.12
C MSE A 159 -8.78 -12.48 -10.11
O MSE A 159 -9.22 -12.99 -9.07
CB MSE A 159 -9.46 -10.16 -10.72
CG MSE A 159 -9.30 -8.67 -10.46
SE MSE A 159 -10.70 -7.75 -11.43
CE MSE A 159 -10.38 -6.02 -10.72
N THR A 160 -8.62 -13.16 -11.25
CA THR A 160 -9.01 -14.57 -11.39
C THR A 160 -8.12 -15.51 -10.56
N GLU A 161 -6.81 -15.40 -10.77
CA GLU A 161 -5.84 -16.28 -10.09
C GLU A 161 -5.80 -16.10 -8.59
N LEU A 162 -5.72 -14.85 -8.13
CA LEU A 162 -5.69 -14.56 -6.70
C LEU A 162 -7.07 -14.64 -6.06
N GLY A 163 -8.13 -14.31 -6.79
CA GLY A 163 -9.50 -14.45 -6.28
C GLY A 163 -9.85 -15.90 -5.92
N ALA A 164 -9.34 -16.84 -6.71
CA ALA A 164 -9.52 -18.29 -6.52
C ALA A 164 -9.09 -18.81 -5.15
N SER A 165 -8.05 -18.21 -4.57
CA SER A 165 -7.57 -18.58 -3.22
C SER A 165 -8.29 -17.80 -2.08
N GLY A 166 -9.33 -17.01 -2.40
CA GLY A 166 -10.10 -16.24 -1.41
C GLY A 166 -9.53 -14.88 -1.02
N THR A 167 -8.55 -14.42 -1.77
CA THR A 167 -7.89 -13.13 -1.52
C THR A 167 -8.86 -11.98 -1.76
N ARG A 168 -8.83 -10.98 -0.86
CA ARG A 168 -9.57 -9.73 -1.05
C ARG A 168 -8.54 -8.70 -1.52
N PHE A 169 -8.96 -7.77 -2.37
CA PHE A 169 -8.04 -6.79 -2.91
C PHE A 169 -8.10 -5.39 -2.37
N GLU A 170 -6.91 -4.79 -2.28
CA GLU A 170 -6.72 -3.38 -1.95
CA GLU A 170 -6.76 -3.38 -1.98
C GLU A 170 -6.59 -2.80 -3.38
N PHE A 171 -7.66 -2.19 -3.88
CA PHE A 171 -7.67 -1.62 -5.25
C PHE A 171 -6.94 -0.28 -5.27
N GLU A 172 -5.75 -0.24 -5.87
CA GLU A 172 -4.94 0.99 -5.91
C GLU A 172 -5.37 1.81 -7.12
N CYS A 173 -5.92 2.99 -6.85
CA CYS A 173 -6.47 3.88 -7.87
C CYS A 173 -5.65 5.17 -7.86
N TYR A 174 -4.82 5.36 -8.89
CA TYR A 174 -3.91 6.50 -9.04
C TYR A 174 -4.52 7.68 -9.82
N ASP A 175 -5.70 7.50 -10.37
CA ASP A 175 -6.35 8.55 -11.14
C ASP A 175 -7.83 8.22 -11.28
N VAL A 176 -8.62 9.18 -11.74
CA VAL A 176 -10.07 9.02 -11.85
C VAL A 176 -10.45 7.85 -12.79
N GLY A 177 -9.71 7.68 -13.88
CA GLY A 177 -9.94 6.59 -14.83
C GLY A 177 -9.87 5.21 -14.20
N HIS A 178 -9.06 5.07 -13.15
CA HIS A 178 -8.93 3.79 -12.42
C HIS A 178 -10.24 3.38 -11.74
N LEU A 179 -11.04 4.37 -11.34
CA LEU A 179 -12.38 4.11 -10.75
C LEU A 179 -13.29 3.48 -11.81
N TYR A 180 -13.26 4.05 -13.01
CA TYR A 180 -14.03 3.54 -14.13
C TYR A 180 -13.53 2.16 -14.56
N ASN A 181 -12.22 1.95 -14.52
CA ASN A 181 -11.62 0.61 -14.80
C ASN A 181 -12.17 -0.42 -13.81
N LEU A 182 -12.20 -0.07 -12.52
CA LEU A 182 -12.77 -0.97 -11.50
C LEU A 182 -14.25 -1.24 -11.74
N ALA A 183 -15.01 -0.19 -12.07
CA ALA A 183 -16.45 -0.33 -12.38
C ALA A 183 -16.73 -1.35 -13.49
N HIS A 184 -15.87 -1.37 -14.51
CA HIS A 184 -15.92 -2.36 -15.59
C HIS A 184 -15.93 -3.79 -15.03
N PHE A 185 -15.02 -4.06 -14.10
CA PHE A 185 -14.88 -5.38 -13.46
C PHE A 185 -15.99 -5.67 -12.45
N VAL A 186 -16.39 -4.64 -11.69
CA VAL A 186 -17.50 -4.75 -10.74
C VAL A 186 -18.78 -5.12 -11.51
N ASP A 187 -19.06 -4.42 -12.62
CA ASP A 187 -20.23 -4.73 -13.46
C ASP A 187 -20.21 -6.15 -14.04
N ARG A 188 -19.02 -6.68 -14.31
CA ARG A 188 -18.85 -8.06 -14.78
C ARG A 188 -18.77 -9.10 -13.65
N LYS A 189 -18.87 -8.65 -12.39
CA LYS A 189 -18.84 -9.50 -11.20
C LYS A 189 -17.56 -10.33 -10.99
N LEU A 190 -16.42 -9.81 -11.46
CA LEU A 190 -15.13 -10.47 -11.26
C LEU A 190 -14.58 -10.24 -9.84
N VAL A 191 -15.12 -9.21 -9.17
CA VAL A 191 -14.86 -8.92 -7.76
C VAL A 191 -16.22 -8.62 -7.10
N GLU A 192 -16.34 -8.99 -5.83
CA GLU A 192 -17.57 -8.81 -5.04
C GLU A 192 -17.37 -7.74 -3.96
N PRO A 193 -18.45 -7.05 -3.55
CA PRO A 193 -18.30 -6.08 -2.47
C PRO A 193 -17.96 -6.76 -1.12
N PRO A 194 -17.41 -6.00 -0.15
CA PRO A 194 -17.04 -4.59 -0.21
C PRO A 194 -15.75 -4.36 -0.99
N PHE A 195 -15.66 -3.21 -1.67
CA PHE A 195 -14.48 -2.86 -2.44
C PHE A 195 -13.65 -1.93 -1.59
N PHE A 196 -12.41 -2.32 -1.31
CA PHE A 196 -11.50 -1.49 -0.53
C PHE A 196 -10.71 -0.67 -1.56
N LEU A 197 -11.14 0.58 -1.76
CA LEU A 197 -10.56 1.52 -2.72
CA LEU A 197 -10.54 1.51 -2.73
C LEU A 197 -9.48 2.37 -2.08
N GLN A 198 -8.24 2.24 -2.54
CA GLN A 198 -7.10 3.00 -2.05
CA GLN A 198 -7.15 3.05 -2.05
C GLN A 198 -6.74 4.07 -3.11
N CYS A 199 -7.08 5.33 -2.84
CA CYS A 199 -6.75 6.43 -3.76
C CYS A 199 -5.33 6.90 -3.45
N VAL A 200 -4.52 7.05 -4.50
CA VAL A 200 -3.09 7.34 -4.40
C VAL A 200 -2.77 8.69 -5.01
N PHE A 201 -2.24 9.60 -4.19
CA PHE A 201 -1.97 10.99 -4.62
C PHE A 201 -0.50 11.37 -4.58
N GLY A 202 -0.09 12.19 -5.55
CA GLY A 202 1.25 12.74 -5.58
C GLY A 202 2.32 12.04 -6.40
N ILE A 203 1.98 10.98 -7.11
CA ILE A 203 2.94 10.31 -7.99
C ILE A 203 2.95 11.06 -9.32
N LEU A 204 4.15 11.35 -9.85
CA LEU A 204 4.30 12.00 -11.18
C LEU A 204 3.95 10.92 -12.22
N GLY A 205 2.84 11.14 -12.91
CA GLY A 205 2.21 10.17 -13.80
C GLY A 205 0.80 9.85 -13.30
N GLY A 206 0.53 10.07 -12.01
CA GLY A 206 -0.80 9.88 -11.41
C GLY A 206 -1.45 11.22 -11.08
N ILE A 207 -2.56 11.16 -10.34
CA ILE A 207 -3.29 12.35 -9.94
C ILE A 207 -2.48 13.12 -8.87
N GLY A 208 -2.49 14.46 -8.96
CA GLY A 208 -1.75 15.31 -8.07
C GLY A 208 -2.30 15.40 -6.67
N ALA A 209 -1.46 15.82 -5.74
CA ALA A 209 -1.86 15.94 -4.33
C ALA A 209 -2.49 17.31 -4.05
N ASP A 210 -3.61 17.58 -4.72
CA ASP A 210 -4.46 18.75 -4.49
C ASP A 210 -5.73 18.19 -3.83
N PRO A 211 -6.17 18.76 -2.68
CA PRO A 211 -7.38 18.27 -1.97
C PRO A 211 -8.62 18.04 -2.80
N GLU A 212 -8.87 18.91 -3.78
CA GLU A 212 -10.02 18.78 -4.68
C GLU A 212 -10.06 17.41 -5.36
N ASN A 213 -8.88 16.84 -5.65
CA ASN A 213 -8.80 15.52 -6.28
C ASN A 213 -9.35 14.39 -5.40
N LEU A 214 -9.14 14.47 -4.09
CA LEU A 214 -9.68 13.48 -3.17
C LEU A 214 -11.19 13.53 -3.10
N LEU A 215 -11.74 14.74 -2.88
CA LEU A 215 -13.19 14.89 -2.83
CA LEU A 215 -13.19 14.94 -2.84
C LEU A 215 -13.84 14.50 -4.15
N HIS A 216 -13.18 14.80 -5.28
CA HIS A 216 -13.69 14.44 -6.59
C HIS A 216 -13.76 12.93 -6.77
N MSE A 217 -12.67 12.24 -6.42
CA MSE A 217 -12.63 10.78 -6.51
C MSE A 217 -13.70 10.12 -5.61
O MSE A 217 -14.32 9.14 -6.03
CB MSE A 217 -11.23 10.24 -6.21
CG MSE A 217 -10.25 10.51 -7.36
SE MSE A 217 -8.52 9.76 -7.02
CE MSE A 217 -8.93 7.94 -7.56
N ARG A 218 -13.95 10.70 -4.43
CA ARG A 218 -15.03 10.17 -3.57
C ARG A 218 -16.40 10.35 -4.24
N THR A 219 -16.63 11.50 -4.88
CA THR A 219 -17.89 11.78 -5.59
C THR A 219 -18.13 10.79 -6.74
N ILE A 220 -17.08 10.53 -7.50
CA ILE A 220 -17.14 9.57 -8.61
C ILE A 220 -17.34 8.15 -8.09
N ALA A 221 -16.59 7.76 -7.05
CA ALA A 221 -16.73 6.43 -6.42
C ALA A 221 -18.15 6.22 -5.87
N ASP A 222 -18.72 7.26 -5.27
CA ASP A 222 -20.12 7.18 -4.81
C ASP A 222 -21.08 6.95 -5.96
N ARG A 223 -20.84 7.63 -7.08
CA ARG A 223 -21.67 7.46 -8.28
C ARG A 223 -21.55 6.06 -8.88
N LEU A 224 -20.33 5.54 -8.95
CA LEU A 224 -20.08 4.22 -9.52
C LEU A 224 -20.42 3.04 -8.60
N PHE A 225 -20.15 3.16 -7.30
CA PHE A 225 -20.26 2.05 -6.32
C PHE A 225 -21.19 2.25 -5.12
N GLY A 226 -21.75 3.43 -4.94
CA GLY A 226 -22.69 3.73 -3.83
C GLY A 226 -22.16 3.32 -2.46
N GLN A 227 -22.91 2.42 -1.80
CA GLN A 227 -22.57 1.93 -0.45
C GLN A 227 -21.71 0.65 -0.40
N ASP A 228 -21.21 0.21 -1.57
CA ASP A 228 -20.41 -1.01 -1.67
C ASP A 228 -18.91 -0.85 -1.50
N TYR A 229 -18.40 0.34 -1.12
CA TYR A 229 -16.96 0.54 -1.00
C TYR A 229 -16.48 1.24 0.27
N TYR A 230 -15.23 0.98 0.63
CA TYR A 230 -14.51 1.71 1.68
C TYR A 230 -13.46 2.54 1.00
N LEU A 231 -13.33 3.79 1.44
CA LEU A 231 -12.30 4.71 0.94
C LEU A 231 -11.07 4.55 1.81
N SER A 232 -9.90 4.47 1.17
CA SER A 232 -8.61 4.58 1.86
C SER A 232 -7.77 5.56 1.03
N VAL A 233 -6.80 6.19 1.67
CA VAL A 233 -5.97 7.20 1.04
C VAL A 233 -4.50 7.06 1.46
N LEU A 234 -3.62 7.25 0.48
CA LEU A 234 -2.18 7.42 0.72
C LEU A 234 -1.76 8.63 -0.11
N ALA A 235 -0.73 9.33 0.36
CA ALA A 235 -0.15 10.44 -0.41
C ALA A 235 1.35 10.45 -0.21
N ALA A 236 2.08 10.83 -1.26
CA ALA A 236 3.54 10.82 -1.26
C ALA A 236 4.17 11.93 -0.41
N GLY A 237 5.24 11.58 0.30
CA GLY A 237 6.07 12.52 1.04
C GLY A 237 5.35 13.45 1.98
N ARG A 238 5.57 14.77 1.79
CA ARG A 238 4.97 15.79 2.65
CA ARG A 238 4.96 15.80 2.65
C ARG A 238 3.44 15.80 2.63
N HIS A 239 2.83 15.21 1.59
CA HIS A 239 1.36 15.19 1.45
C HIS A 239 0.67 14.12 2.28
N GLN A 240 1.44 13.17 2.81
CA GLN A 240 0.90 12.03 3.57
C GLN A 240 -0.04 12.42 4.69
N MSE A 241 0.44 13.18 5.67
CA MSE A 241 -0.41 13.51 6.83
C MSE A 241 -1.67 14.33 6.54
O MSE A 241 -2.75 13.96 7.02
CB MSE A 241 0.41 14.07 8.00
CG MSE A 241 1.33 13.01 8.59
SE MSE A 241 0.39 11.49 9.40
CE MSE A 241 1.89 10.30 9.58
N PRO A 242 -1.55 15.42 5.77
CA PRO A 242 -2.77 16.17 5.39
C PRO A 242 -3.78 15.32 4.63
N PHE A 243 -3.31 14.50 3.69
CA PHE A 243 -4.23 13.65 2.90
C PHE A 243 -4.93 12.56 3.71
N VAL A 244 -4.19 11.85 4.56
CA VAL A 244 -4.81 10.81 5.40
C VAL A 244 -5.72 11.44 6.47
N THR A 245 -5.39 12.65 6.96
CA THR A 245 -6.28 13.38 7.90
C THR A 245 -7.60 13.73 7.17
N MSE A 246 -7.48 14.23 5.94
CA MSE A 246 -8.63 14.54 5.07
CA MSE A 246 -8.65 14.53 5.12
C MSE A 246 -9.50 13.27 4.91
O MSE A 246 -10.72 13.32 5.06
CB MSE A 246 -8.12 15.10 3.73
CB MSE A 246 -8.30 15.26 3.81
CG MSE A 246 -9.08 15.87 2.81
CG MSE A 246 -8.67 16.75 3.87
SE MSE A 246 -7.96 17.31 1.92
SE MSE A 246 -10.63 16.73 3.70
CE MSE A 246 -6.61 16.29 1.22
CE MSE A 246 -11.07 18.46 4.36
N SER A 247 -8.85 12.13 4.63
CA SER A 247 -9.59 10.85 4.49
C SER A 247 -10.41 10.54 5.76
N ALA A 248 -9.75 10.64 6.92
CA ALA A 248 -10.42 10.41 8.23
C ALA A 248 -11.66 11.28 8.38
N ILE A 249 -11.51 12.57 8.07
CA ILE A 249 -12.60 13.57 8.11
C ILE A 249 -13.75 13.22 7.15
N LEU A 250 -13.40 12.70 5.98
CA LEU A 250 -14.39 12.26 4.99
C LEU A 250 -15.05 10.89 5.29
N GLY A 251 -14.70 10.22 6.39
CA GLY A 251 -15.26 8.92 6.74
C GLY A 251 -14.49 7.76 6.15
N GLY A 252 -13.25 8.04 5.68
CA GLY A 252 -12.38 7.07 5.08
C GLY A 252 -11.32 6.50 6.01
N ASN A 253 -10.48 5.66 5.41
CA ASN A 253 -9.41 4.96 6.07
C ASN A 253 -8.06 5.55 5.67
N VAL A 254 -6.99 5.11 6.34
CA VAL A 254 -5.69 5.75 6.20
C VAL A 254 -4.56 4.76 5.98
N ARG A 255 -3.63 5.18 5.12
CA ARG A 255 -2.40 4.45 4.88
C ARG A 255 -1.22 5.37 5.12
N VAL A 256 -0.30 4.93 5.99
CA VAL A 256 0.96 5.64 6.26
C VAL A 256 2.06 4.61 6.07
N GLY A 257 3.31 5.02 6.27
CA GLY A 257 4.46 4.14 6.18
C GLY A 257 5.62 4.69 5.38
N LEU A 258 6.81 4.14 5.66
CA LEU A 258 8.04 4.53 4.97
C LEU A 258 8.06 4.25 3.48
N GLU A 259 7.18 3.35 3.01
CA GLU A 259 6.98 3.17 1.57
C GLU A 259 6.57 4.46 0.85
N ASP A 260 5.74 5.26 1.52
CA ASP A 260 5.10 6.45 0.95
C ASP A 260 5.77 7.76 1.31
N SER A 261 6.27 7.84 2.54
CA SER A 261 7.03 9.01 2.98
C SER A 261 8.14 8.59 3.93
N LEU A 262 9.34 9.12 3.71
CA LEU A 262 10.46 8.85 4.62
C LEU A 262 10.51 9.77 5.84
N TYR A 263 9.52 10.66 5.99
CA TYR A 263 9.52 11.72 7.00
C TYR A 263 8.46 11.56 8.07
N SER A 264 8.83 11.87 9.32
CA SER A 264 7.88 11.90 10.46
C SER A 264 7.11 13.21 10.50
N GLY A 265 7.77 14.26 10.03
CA GLY A 265 7.22 15.62 9.98
C GLY A 265 8.18 16.47 9.15
N LYS A 266 7.87 17.75 9.02
CA LYS A 266 8.68 18.65 8.17
C LYS A 266 10.16 18.60 8.57
N GLY A 267 11.02 18.35 7.58
CA GLY A 267 12.47 18.32 7.77
C GLY A 267 13.03 17.30 8.74
N GLN A 268 12.30 16.20 8.94
CA GLN A 268 12.68 15.17 9.91
C GLN A 268 12.44 13.77 9.36
N LEU A 269 13.52 13.02 9.13
CA LEU A 269 13.41 11.62 8.70
C LEU A 269 12.77 10.80 9.82
N ALA A 270 11.82 9.94 9.44
CA ALA A 270 11.17 9.03 10.37
C ALA A 270 12.16 7.92 10.69
N THR A 271 12.36 7.64 11.97
CA THR A 271 13.25 6.55 12.41
C THR A 271 12.54 5.19 12.32
N SER A 272 11.21 5.21 12.27
CA SER A 272 10.40 4.00 12.21
C SER A 272 9.03 4.27 11.65
N ASN A 273 8.46 3.23 11.04
CA ASN A 273 7.07 3.22 10.61
C ASN A 273 6.13 3.55 11.75
N ALA A 274 6.46 3.06 12.95
CA ALA A 274 5.69 3.31 14.17
C ALA A 274 5.48 4.79 14.46
N GLU A 275 6.44 5.65 14.13
CA GLU A 275 6.26 7.11 14.32
C GLU A 275 5.07 7.66 13.56
N GLN A 276 4.94 7.26 12.30
CA GLN A 276 3.83 7.71 11.46
C GLN A 276 2.50 7.13 11.91
N VAL A 277 2.49 5.85 12.30
CA VAL A 277 1.27 5.19 12.81
C VAL A 277 0.82 5.92 14.08
N ARG A 278 1.76 6.17 14.99
CA ARG A 278 1.43 6.91 16.22
C ARG A 278 0.87 8.29 15.92
N LYS A 279 1.46 9.00 14.95
CA LYS A 279 1.00 10.34 14.59
C LYS A 279 -0.44 10.36 14.07
N ILE A 280 -0.73 9.54 13.07
CA ILE A 280 -2.09 9.52 12.50
C ILE A 280 -3.11 9.08 13.55
N ARG A 281 -2.72 8.15 14.43
CA ARG A 281 -3.59 7.73 15.52
C ARG A 281 -3.87 8.89 16.49
N ARG A 282 -2.86 9.70 16.82
CA ARG A 282 -3.08 10.89 17.67
C ARG A 282 -4.07 11.88 17.01
N ILE A 283 -3.88 12.14 15.71
CA ILE A 283 -4.75 13.04 14.95
C ILE A 283 -6.21 12.51 14.99
N ILE A 284 -6.38 11.22 14.65
CA ILE A 284 -7.68 10.51 14.71
C ILE A 284 -8.36 10.70 16.08
N GLU A 285 -7.58 10.52 17.14
CA GLU A 285 -8.09 10.66 18.50
C GLU A 285 -8.48 12.10 18.83
N GLU A 286 -7.69 13.06 18.35
CA GLU A 286 -8.02 14.51 18.51
C GLU A 286 -9.35 14.88 17.85
N LEU A 287 -9.64 14.24 16.71
CA LEU A 287 -10.90 14.41 15.99
C LEU A 287 -12.07 13.57 16.55
N SER A 288 -11.89 12.93 17.71
CA SER A 288 -12.90 12.10 18.34
C SER A 288 -13.28 10.90 17.47
N LEU A 289 -12.31 10.38 16.71
CA LEU A 289 -12.51 9.22 15.84
C LEU A 289 -11.75 8.07 16.51
N ASP A 290 -11.93 6.85 15.97
CA ASP A 290 -11.26 5.68 16.55
CA ASP A 290 -11.43 5.60 16.56
C ASP A 290 -10.81 4.73 15.46
N ILE A 291 -9.79 3.93 15.81
CA ILE A 291 -9.18 2.98 14.91
C ILE A 291 -9.75 1.58 15.04
N ALA A 292 -9.58 0.80 13.98
CA ALA A 292 -10.01 -0.59 13.90
C ALA A 292 -8.89 -1.52 14.37
N THR A 293 -9.26 -2.58 15.09
CA THR A 293 -8.33 -3.66 15.42
C THR A 293 -8.19 -4.52 14.15
N PRO A 294 -7.15 -5.37 14.08
CA PRO A 294 -7.05 -6.28 12.94
C PRO A 294 -8.31 -7.08 12.61
N ASP A 295 -8.93 -7.65 13.63
CA ASP A 295 -10.17 -8.44 13.45
C ASP A 295 -11.38 -7.58 13.02
N GLU A 296 -11.47 -6.34 13.51
CA GLU A 296 -12.50 -5.40 13.03
C GLU A 296 -12.27 -5.11 11.54
N ALA A 297 -11.00 -4.96 11.15
CA ALA A 297 -10.62 -4.75 9.75
C ALA A 297 -10.98 -5.96 8.88
N ARG A 298 -10.72 -7.17 9.37
CA ARG A 298 -11.09 -8.43 8.67
C ARG A 298 -12.60 -8.51 8.41
N ALA A 299 -13.39 -8.11 9.41
CA ALA A 299 -14.86 -8.10 9.29
C ALA A 299 -15.31 -7.03 8.29
N MSE A 300 -14.63 -5.88 8.27
CA MSE A 300 -14.94 -4.81 7.31
C MSE A 300 -14.64 -5.26 5.87
O MSE A 300 -15.48 -5.15 5.01
CB MSE A 300 -14.18 -3.51 7.63
CG MSE A 300 -14.68 -2.80 8.87
SE MSE A 300 -13.43 -1.47 9.52
CE MSE A 300 -13.52 -0.18 8.12
N LEU A 301 -13.43 -5.78 5.65
CA LEU A 301 -12.99 -6.22 4.33
C LEU A 301 -13.52 -7.60 3.90
N LYS A 302 -14.09 -8.36 4.85
CA LYS A 302 -14.63 -9.71 4.63
C LYS A 302 -13.52 -10.65 4.14
N THR A 303 -12.42 -10.68 4.88
CA THR A 303 -11.28 -11.53 4.52
C THR A 303 -11.54 -12.97 4.95
N LYS A 304 -10.73 -13.88 4.40
CA LYS A 304 -10.88 -15.33 4.66
C LYS A 304 -10.40 -15.79 6.05
N GLY A 305 -9.64 -14.96 6.77
CA GLY A 305 -9.12 -15.27 8.09
C GLY A 305 -7.65 -15.57 8.06
N ALA A 306 -6.97 -15.25 9.16
CA ALA A 306 -5.51 -15.44 9.31
C ALA A 306 -5.04 -16.91 9.17
N ASN A 307 -5.89 -17.84 9.58
CA ASN A 307 -5.60 -19.28 9.52
CA ASN A 307 -5.58 -19.28 9.52
C ASN A 307 -5.73 -19.91 8.13
N GLU A 308 -6.24 -19.17 7.15
CA GLU A 308 -6.44 -19.68 5.77
C GLU A 308 -5.34 -19.27 4.77
N THR A 309 -4.22 -18.73 5.25
CA THR A 309 -3.09 -18.35 4.39
C THR A 309 -2.13 -19.52 4.30
N SER A 310 -1.18 -19.48 3.36
CA SER A 310 -0.15 -20.52 3.19
C SER A 310 1.20 -20.17 3.83
N PHE A 311 1.16 -19.54 5.00
CA PHE A 311 2.35 -19.22 5.79
C PHE A 311 2.03 -19.27 7.29
ZN ZN B . 3.24 -1.03 -2.43
C1 EDO C . 6.39 14.09 14.72
O1 EDO C . 7.00 15.37 14.85
C2 EDO C . 7.16 12.92 15.31
O2 EDO C . 6.51 11.68 14.99
C1 EDO D . 3.87 4.40 -3.15
O1 EDO D . 3.91 5.68 -2.50
C2 EDO D . 2.74 4.39 -4.18
O2 EDO D . 2.89 3.29 -5.06
C1 EDO E . 27.49 7.52 -7.25
O1 EDO E . 27.75 7.80 -5.89
C2 EDO E . 26.46 8.50 -7.77
O2 EDO E . 25.78 7.91 -8.88
C1 EDO F . 13.10 11.54 -1.02
O1 EDO F . 12.65 12.70 -0.33
C2 EDO F . 12.87 11.70 -2.51
O2 EDO F . 11.63 11.08 -2.89
C1 EDO G . 16.86 0.22 10.23
O1 EDO G . 16.51 1.44 10.90
C2 EDO G . 15.77 -0.20 9.23
O2 EDO G . 14.55 -0.62 9.86
C1 EDO H . 13.08 1.20 -13.16
O1 EDO H . 13.99 2.09 -13.83
C2 EDO H . 12.07 0.55 -14.10
O2 EDO H . 12.33 0.78 -15.49
C1 EDO I . 21.98 -4.18 4.31
O1 EDO I . 20.78 -4.68 4.91
C2 EDO I . 21.69 -2.84 3.66
O2 EDO I . 21.20 -1.94 4.67
C1 EDO J . 2.87 15.74 -9.32
O1 EDO J . 3.76 14.78 -8.71
C2 EDO J . 1.62 15.10 -9.92
O2 EDO J . 1.17 13.91 -9.25
C1 EDO K . -2.09 -11.43 -18.72
O1 EDO K . -0.67 -11.47 -18.41
C2 EDO K . -2.42 -10.45 -19.84
O2 EDO K . -1.29 -10.06 -20.62
C1 EDO L . 6.66 10.15 18.12
O1 EDO L . 7.84 9.40 18.41
C2 EDO L . 5.63 9.26 17.44
O2 EDO L . 4.95 9.83 16.30
#